data_4RKG
#
_entry.id   4RKG
#
_cell.length_a   40.705
_cell.length_b   75.251
_cell.length_c   77.436
_cell.angle_alpha   90.00
_cell.angle_beta   90.00
_cell.angle_gamma   90.00
#
_symmetry.space_group_name_H-M   'P 21 21 21'
#
loop_
_entity.id
_entity.type
_entity.pdbx_description
1 polymer 'E3 ubiquitin-protein ligase msl-2'
2 polymer "DNA (5'-D(*GP*CP*GP*CP*GP*CP*GP*CP*GP*CP*GP*C)-3')"
3 non-polymer 'ZINC ION'
#
loop_
_entity_poly.entity_id
_entity_poly.type
_entity_poly.pdbx_seq_one_letter_code
_entity_poly.pdbx_strand_id
1 'polypeptide(L)' SPPKPKCRCGISGSSNTLTTCRNSRCPCYKSYNSCAGCHCVGCKNPHKEDYV A,B
2 'polydeoxyribonucleotide' (DG)(DC)(DG)(DC)(DG)(DC)(DG)(DC)(DG)(DC)(DG)(DC) H,I
#
loop_
_chem_comp.id
_chem_comp.type
_chem_comp.name
_chem_comp.formula
DC DNA linking 2'-DEOXYCYTIDINE-5'-MONOPHOSPHATE 'C9 H14 N3 O7 P'
DG DNA linking 2'-DEOXYGUANOSINE-5'-MONOPHOSPHATE 'C10 H14 N5 O7 P'
ZN non-polymer 'ZINC ION' 'Zn 2'
#
# COMPACT_ATOMS: atom_id res chain seq x y z
N PRO A 5 8.39 -1.79 -14.74
CA PRO A 5 7.65 -2.43 -13.64
C PRO A 5 8.62 -2.97 -12.57
N LYS A 6 8.09 -3.42 -11.42
CA LYS A 6 8.91 -3.86 -10.26
C LYS A 6 8.09 -4.59 -9.18
N CYS A 7 8.08 -5.93 -9.20
CA CYS A 7 7.19 -6.73 -8.35
C CYS A 7 7.68 -6.90 -6.90
N ARG A 8 6.87 -7.59 -6.11
CA ARG A 8 7.19 -7.85 -4.72
C ARG A 8 6.63 -9.21 -4.28
N CYS A 9 6.71 -10.19 -5.18
CA CYS A 9 6.33 -11.58 -4.92
C CYS A 9 7.32 -12.27 -3.98
N GLY A 10 6.81 -12.96 -2.96
CA GLY A 10 7.65 -13.83 -2.17
C GLY A 10 7.97 -13.46 -0.73
N ILE A 11 7.39 -12.38 -0.19
CA ILE A 11 7.44 -12.21 1.27
C ILE A 11 6.14 -12.70 1.92
N THR A 19 6.90 -21.43 -8.51
CA THR A 19 5.86 -20.59 -9.11
C THR A 19 5.96 -19.09 -8.78
N THR A 20 6.72 -18.73 -7.74
CA THR A 20 6.98 -17.32 -7.45
C THR A 20 7.56 -16.59 -8.65
N CYS A 21 6.85 -15.57 -9.10
CA CYS A 21 7.17 -14.85 -10.33
C CYS A 21 7.15 -15.80 -11.53
N ARG A 22 6.44 -16.91 -11.39
CA ARG A 22 6.27 -17.82 -12.51
C ARG A 22 4.77 -18.01 -12.78
N ASN A 23 4.01 -16.94 -12.62
CA ASN A 23 2.55 -17.02 -12.80
C ASN A 23 1.93 -15.66 -13.13
N SER A 24 0.64 -15.69 -13.45
CA SER A 24 -0.10 -14.50 -13.87
C SER A 24 -0.21 -13.45 -12.76
N ARG A 25 -0.14 -13.89 -11.51
CA ARG A 25 -0.29 -12.96 -10.40
C ARG A 25 0.93 -12.06 -10.28
N CYS A 26 2.01 -12.41 -10.97
CA CYS A 26 3.20 -11.56 -11.05
C CYS A 26 3.15 -10.75 -12.35
N PRO A 27 3.30 -9.44 -12.24
CA PRO A 27 3.28 -8.49 -13.37
C PRO A 27 4.29 -8.78 -14.45
N CYS A 28 5.56 -8.79 -14.07
CA CYS A 28 6.66 -9.01 -15.00
C CYS A 28 6.49 -10.30 -15.81
N TYR A 29 6.14 -11.39 -15.12
CA TYR A 29 5.81 -12.64 -15.78
C TYR A 29 4.72 -12.40 -16.81
N LYS A 30 3.60 -11.89 -16.33
CA LYS A 30 2.43 -11.63 -17.17
C LYS A 30 2.78 -10.74 -18.35
N SER A 31 3.51 -9.65 -18.11
CA SER A 31 3.91 -8.75 -19.18
C SER A 31 5.07 -9.32 -19.99
N TYR A 32 5.44 -10.55 -19.70
CA TYR A 32 6.56 -11.21 -20.36
C TYR A 32 7.86 -10.43 -20.19
N ASN A 33 8.11 -9.91 -18.99
CA ASN A 33 9.39 -9.29 -18.70
C ASN A 33 10.06 -9.97 -17.52
N SER A 34 11.37 -9.74 -17.36
CA SER A 34 12.14 -10.33 -16.28
C SER A 34 11.95 -9.55 -14.97
N CYS A 35 12.61 -9.99 -13.91
CA CYS A 35 12.52 -9.28 -12.64
C CYS A 35 13.77 -8.46 -12.40
N ALA A 36 14.25 -7.82 -13.45
CA ALA A 36 15.36 -6.88 -13.34
C ALA A 36 14.95 -5.71 -12.45
N GLY A 37 15.59 -5.59 -11.29
CA GLY A 37 15.31 -4.47 -10.41
C GLY A 37 14.14 -4.69 -9.45
N CYS A 38 13.50 -5.84 -9.56
CA CYS A 38 12.38 -6.19 -8.69
C CYS A 38 12.79 -6.41 -7.23
N HIS A 39 11.81 -6.55 -6.36
CA HIS A 39 12.08 -6.74 -4.93
C HIS A 39 11.53 -8.08 -4.42
N CYS A 40 11.14 -8.92 -5.36
CA CYS A 40 10.75 -10.30 -5.12
C CYS A 40 11.79 -11.11 -4.33
N VAL A 41 11.36 -12.24 -3.79
CA VAL A 41 12.21 -13.11 -2.99
C VAL A 41 11.96 -14.53 -3.47
N GLY A 42 13.02 -15.29 -3.69
CA GLY A 42 12.87 -16.64 -4.20
C GLY A 42 12.21 -16.57 -5.56
N CYS A 43 12.65 -15.61 -6.37
CA CYS A 43 12.17 -15.45 -7.73
C CYS A 43 12.45 -16.69 -8.56
N LYS A 44 11.47 -17.11 -9.34
CA LYS A 44 11.64 -18.25 -10.22
C LYS A 44 11.18 -17.84 -11.60
N ASN A 45 11.17 -16.54 -11.84
CA ASN A 45 10.92 -16.01 -13.17
C ASN A 45 11.99 -16.47 -14.14
N PRO A 46 11.60 -17.28 -15.14
CA PRO A 46 12.53 -17.86 -16.11
C PRO A 46 12.91 -16.86 -17.20
N HIS A 47 12.35 -15.66 -17.15
CA HIS A 47 12.61 -14.64 -18.16
C HIS A 47 14.02 -14.05 -18.04
N LYS A 48 14.83 -14.23 -19.09
CA LYS A 48 16.15 -13.62 -19.12
C LYS A 48 16.07 -12.22 -19.72
N LYS B 4 -8.43 8.01 22.62
CA LYS B 4 -8.71 7.95 21.19
C LYS B 4 -7.38 7.77 20.44
N PRO B 5 -7.41 7.01 19.34
CA PRO B 5 -6.16 6.72 18.60
C PRO B 5 -5.55 7.95 17.90
N LYS B 6 -4.28 7.82 17.50
CA LYS B 6 -3.54 8.91 16.90
C LYS B 6 -2.79 8.45 15.65
N CYS B 7 -3.39 8.72 14.50
CA CYS B 7 -2.89 8.13 13.26
C CYS B 7 -1.78 8.99 12.68
N ARG B 8 -0.85 8.36 11.96
CA ARG B 8 0.11 9.10 11.18
C ARG B 8 -0.15 8.88 9.70
N CYS B 9 -1.43 8.86 9.31
CA CYS B 9 -1.77 8.54 7.92
C CYS B 9 -1.28 9.68 7.01
N GLY B 10 -0.71 9.32 5.87
CA GLY B 10 -0.39 10.30 4.82
C GLY B 10 0.97 10.98 4.89
N ILE B 11 1.80 10.63 5.87
CA ILE B 11 3.08 11.32 6.09
C ILE B 11 4.04 11.21 4.90
N SER B 12 4.30 9.99 4.44
CA SER B 12 5.13 9.82 3.25
C SER B 12 4.46 10.47 2.06
N GLY B 13 5.23 10.74 1.01
CA GLY B 13 4.65 11.33 -0.17
C GLY B 13 3.77 10.34 -0.90
N SER B 14 4.37 9.20 -1.26
CA SER B 14 3.75 8.23 -2.17
C SER B 14 2.58 7.52 -1.52
N SER B 15 1.38 8.02 -1.77
CA SER B 15 0.15 7.54 -1.13
C SER B 15 -1.07 8.21 -1.74
N ASN B 16 -2.11 7.42 -2.02
CA ASN B 16 -3.31 7.94 -2.68
C ASN B 16 -4.05 8.91 -1.74
N THR B 17 -3.92 10.19 -2.05
CA THR B 17 -4.31 11.26 -1.15
C THR B 17 -5.82 11.39 -0.93
N LEU B 18 -6.62 10.70 -1.73
CA LEU B 18 -8.06 10.85 -1.62
C LEU B 18 -8.71 9.88 -0.61
N THR B 19 -7.96 8.86 -0.19
CA THR B 19 -8.46 7.82 0.72
C THR B 19 -7.87 7.95 2.13
N THR B 20 -7.02 8.96 2.27
CA THR B 20 -6.34 9.30 3.52
C THR B 20 -7.30 9.56 4.70
N CYS B 21 -7.18 8.73 5.72
CA CYS B 21 -8.06 8.69 6.90
C CYS B 21 -9.49 8.48 6.50
N ARG B 22 -9.68 7.70 5.46
CA ARG B 22 -11.03 7.44 4.99
C ARG B 22 -11.15 5.97 4.58
N ASN B 23 -10.48 5.09 5.32
CA ASN B 23 -10.50 3.65 5.06
C ASN B 23 -10.05 2.86 6.30
N SER B 24 -10.14 1.54 6.21
CA SER B 24 -10.04 0.68 7.39
C SER B 24 -8.64 0.66 8.01
N ARG B 25 -7.63 1.03 7.23
CA ARG B 25 -6.27 1.13 7.76
C ARG B 25 -6.08 2.31 8.74
N CYS B 26 -7.02 3.25 8.73
CA CYS B 26 -7.00 4.35 9.70
C CYS B 26 -7.73 3.91 10.97
N PRO B 27 -7.05 3.95 12.11
CA PRO B 27 -7.68 3.53 13.37
C PRO B 27 -8.83 4.47 13.72
N CYS B 28 -8.65 5.76 13.43
CA CYS B 28 -9.69 6.73 13.70
C CYS B 28 -10.93 6.40 12.88
N TYR B 29 -10.76 6.35 11.57
CA TYR B 29 -11.88 6.06 10.66
C TYR B 29 -12.62 4.77 11.02
N LYS B 30 -11.85 3.72 11.24
CA LYS B 30 -12.34 2.39 11.60
C LYS B 30 -13.06 2.43 12.95
N SER B 31 -12.47 3.13 13.92
CA SER B 31 -13.08 3.23 15.25
C SER B 31 -14.12 4.34 15.32
N TYR B 32 -14.55 4.82 14.15
CA TYR B 32 -15.51 5.92 14.06
C TYR B 32 -15.11 7.12 14.90
N ASN B 33 -13.81 7.41 14.87
CA ASN B 33 -13.29 8.60 15.50
C ASN B 33 -13.02 9.73 14.53
N SER B 34 -12.91 10.94 15.10
CA SER B 34 -12.34 12.05 14.39
C SER B 34 -10.83 11.97 14.51
N CYS B 35 -10.14 12.75 13.68
CA CYS B 35 -8.69 12.86 13.69
C CYS B 35 -8.16 14.05 14.53
N ALA B 36 -8.98 14.58 15.43
CA ALA B 36 -8.54 15.57 16.41
C ALA B 36 -7.35 15.04 17.23
N GLY B 37 -6.25 15.79 17.22
CA GLY B 37 -5.04 15.37 17.90
C GLY B 37 -4.13 14.43 17.11
N CYS B 38 -4.56 14.06 15.91
CA CYS B 38 -3.76 13.18 15.06
C CYS B 38 -2.71 13.95 14.28
N HIS B 39 -1.75 13.24 13.69
CA HIS B 39 -0.67 13.88 12.94
C HIS B 39 -0.73 13.53 11.46
N CYS B 40 -1.93 13.29 10.97
CA CYS B 40 -2.12 12.90 9.59
C CYS B 40 -1.99 14.11 8.69
N VAL B 41 -1.53 13.85 7.47
CA VAL B 41 -1.34 14.87 6.46
C VAL B 41 -2.36 14.64 5.34
N GLY B 42 -3.17 15.66 5.04
CA GLY B 42 -4.22 15.54 4.04
C GLY B 42 -5.41 14.69 4.50
N CYS B 43 -5.85 14.91 5.74
CA CYS B 43 -6.90 14.09 6.32
C CYS B 43 -8.22 14.23 5.57
N LYS B 44 -8.82 13.09 5.20
CA LYS B 44 -10.10 13.08 4.52
C LYS B 44 -11.16 12.42 5.39
N ASN B 45 -10.95 12.44 6.70
CA ASN B 45 -11.85 11.78 7.65
C ASN B 45 -13.19 12.50 7.78
N PRO B 46 -14.28 11.82 7.40
CA PRO B 46 -15.60 12.48 7.40
C PRO B 46 -16.27 12.55 8.78
N HIS B 47 -15.69 11.95 9.82
CA HIS B 47 -16.30 12.01 11.16
C HIS B 47 -15.82 13.17 11.99
N LYS B 48 -16.61 13.54 13.01
CA LYS B 48 -16.48 14.86 13.61
C LYS B 48 -16.27 14.94 15.14
N GLU B 49 -16.53 13.88 15.89
CA GLU B 49 -16.32 13.97 17.34
C GLU B 49 -15.58 12.76 17.90
ZN ZN E . 7.07 -11.26 -9.38
ZN ZN F . 10.72 -12.21 -9.49
ZN ZN G . 9.36 -9.07 -10.95
ZN ZN H . -5.83 8.28 9.86
ZN ZN I . -6.76 11.91 9.69
ZN ZN J . -6.62 10.09 12.93
ZN ZN K . -11.47 -1.78 -12.53
ZN ZN L . -15.19 -0.20 -14.05
ZN ZN M . -12.70 -1.44 -16.14
#